data_4Y6O
#
_entry.id   4Y6O
#
_cell.length_a   37.136
_cell.length_b   48.785
_cell.length_c   96.960
_cell.angle_alpha   101.07
_cell.angle_beta   91.33
_cell.angle_gamma   112.27
#
_symmetry.space_group_name_H-M   'P 1'
#
loop_
_entity.id
_entity.type
_entity.pdbx_description
1 polymer 'NAD-dependent protein deacetylase sirtuin-2'
2 polymer 'peptide LEU-PRO-LYS-MYK-THR-GLY-GLY'
3 non-polymer 'ZINC ION'
4 water water
#
loop_
_entity_poly.entity_id
_entity_poly.type
_entity_poly.pdbx_seq_one_letter_code
_entity_poly.pdbx_strand_id
1 'polypeptide(L)'
;GSQKERLLDELTLEGVARYMQSERCRRVICLVGAGISTSAGIPDFRSPSTGLYDNLEKYHLPYPEAIFEISYFKKHPEPF
FALAKELYPGQFKPTICHYFMRLLKDKGLLLRCYTQNIDTLERIAGLEQEDLVEAHGTFYTSHCVSASCRHEYPLSWMKE
KIFSEVTPKCEDCQSLVKPDIVFFGESLPARFFSCMQSDFLKVDLLLVMGTSLQVQPFASLISKAPLSTPRLLINKEKAG
GGGMDFDSKKAYRDVAWLGECDQGCLALAELLGWKKELEDLVRREHASIDAQS
;
A,B
2 'polypeptide(L)' LPK(MYK)TGG C,D
#
loop_
_chem_comp.id
_chem_comp.type
_chem_comp.name
_chem_comp.formula
ZN non-polymer 'ZINC ION' 'Zn 2'
#
# COMPACT_ATOMS: atom_id res chain seq x y z
N ARG A 6 40.94 -21.29 -10.31
CA ARG A 6 41.34 -19.86 -10.48
C ARG A 6 40.65 -19.29 -11.71
N LEU A 7 39.69 -18.39 -11.48
CA LEU A 7 38.91 -17.78 -12.58
C LEU A 7 39.36 -16.37 -12.94
N LEU A 8 39.97 -15.65 -11.99
CA LEU A 8 40.55 -14.34 -12.28
C LEU A 8 41.99 -14.50 -12.74
N ASP A 9 42.35 -13.81 -13.83
CA ASP A 9 43.75 -13.81 -14.26
C ASP A 9 44.67 -13.10 -13.25
N GLU A 10 44.23 -11.94 -12.76
CA GLU A 10 44.94 -11.20 -11.72
C GLU A 10 43.97 -10.65 -10.68
N LEU A 11 44.47 -10.46 -9.46
CA LEU A 11 43.66 -10.01 -8.33
C LEU A 11 43.57 -8.48 -8.28
N THR A 12 42.94 -7.93 -9.30
CA THR A 12 42.83 -6.47 -9.52
C THR A 12 41.43 -6.15 -10.05
N LEU A 13 41.06 -4.87 -9.96
CA LEU A 13 39.80 -4.38 -10.55
C LEU A 13 39.74 -4.66 -12.06
N GLU A 14 40.88 -4.49 -12.73
CA GLU A 14 41.04 -4.81 -14.15
C GLU A 14 40.80 -6.29 -14.42
N GLY A 15 41.32 -7.14 -13.54
CA GLY A 15 41.11 -8.59 -13.59
C GLY A 15 39.64 -8.98 -13.45
N VAL A 16 38.96 -8.34 -12.50
CA VAL A 16 37.53 -8.56 -12.29
C VAL A 16 36.72 -8.11 -13.52
N ALA A 17 37.06 -6.95 -14.07
CA ALA A 17 36.40 -6.43 -15.28
C ALA A 17 36.57 -7.35 -16.49
N ARG A 18 37.79 -7.84 -16.72
CA ARG A 18 38.06 -8.81 -17.78
C ARG A 18 37.21 -10.07 -17.61
N TYR A 19 37.14 -10.56 -16.38
CA TYR A 19 36.31 -11.73 -16.03
C TYR A 19 34.83 -11.49 -16.32
N MET A 20 34.30 -10.33 -15.90
CA MET A 20 32.91 -9.94 -16.14
C MET A 20 32.55 -9.91 -17.63
N GLN A 21 33.52 -9.54 -18.45
CA GLN A 21 33.36 -9.48 -19.91
C GLN A 21 33.41 -10.86 -20.57
N SER A 22 33.99 -11.84 -19.89
CA SER A 22 34.11 -13.20 -20.42
C SER A 22 32.76 -13.92 -20.38
N GLU A 23 32.60 -14.93 -21.24
CA GLU A 23 31.35 -15.69 -21.33
C GLU A 23 31.05 -16.51 -20.06
N ARG A 24 32.08 -16.76 -19.26
CA ARG A 24 31.99 -17.46 -17.98
C ARG A 24 31.11 -16.72 -16.96
N CYS A 25 31.20 -15.39 -16.94
CA CYS A 25 30.49 -14.56 -15.97
C CYS A 25 29.07 -14.20 -16.43
N ARG A 26 28.11 -15.04 -16.04
CA ARG A 26 26.72 -14.89 -16.46
C ARG A 26 25.79 -14.40 -15.35
N ARG A 27 26.11 -14.80 -14.11
CA ARG A 27 25.26 -14.57 -12.94
C ARG A 27 26.03 -13.93 -11.79
N VAL A 28 25.59 -12.75 -11.37
CA VAL A 28 26.26 -11.95 -10.34
C VAL A 28 25.28 -11.73 -9.18
N ILE A 29 25.76 -11.98 -7.96
CA ILE A 29 25.02 -11.61 -6.74
C ILE A 29 25.67 -10.37 -6.13
N CYS A 30 24.85 -9.36 -5.87
CA CYS A 30 25.29 -8.18 -5.12
C CYS A 30 24.90 -8.29 -3.66
N LEU A 31 25.84 -7.95 -2.79
CA LEU A 31 25.63 -7.93 -1.35
C LEU A 31 25.97 -6.53 -0.88
N VAL A 32 24.96 -5.79 -0.41
CA VAL A 32 25.13 -4.37 -0.14
C VAL A 32 24.72 -3.93 1.27
N GLY A 33 25.37 -2.88 1.75
CA GLY A 33 25.06 -2.30 3.04
C GLY A 33 25.02 -0.78 3.03
N ALA A 34 25.20 -0.21 4.23
CA ALA A 34 24.97 1.22 4.46
C ALA A 34 25.81 2.14 3.60
N GLY A 35 27.01 1.67 3.23
CA GLY A 35 27.93 2.45 2.42
C GLY A 35 27.45 2.79 1.03
N ILE A 36 26.45 2.06 0.52
CA ILE A 36 25.91 2.38 -0.80
C ILE A 36 24.86 3.50 -0.78
N SER A 37 24.47 3.95 0.41
CA SER A 37 23.42 4.95 0.55
C SER A 37 23.84 6.23 1.27
N THR A 38 25.09 6.29 1.74
CA THR A 38 25.58 7.50 2.40
C THR A 38 25.59 8.74 1.49
N SER A 39 25.91 8.55 0.22
CA SER A 39 25.88 9.67 -0.75
C SER A 39 24.44 10.06 -1.15
N ALA A 40 23.46 9.28 -0.71
CA ALA A 40 22.04 9.60 -0.85
C ALA A 40 21.48 10.35 0.36
N GLY A 41 22.38 10.76 1.26
CA GLY A 41 22.03 11.50 2.47
C GLY A 41 21.41 10.64 3.56
N ILE A 42 21.78 9.36 3.60
CA ILE A 42 21.37 8.47 4.69
C ILE A 42 22.63 7.94 5.39
N PRO A 43 22.86 8.37 6.65
CA PRO A 43 24.09 8.02 7.37
C PRO A 43 24.17 6.54 7.77
N ASP A 44 25.39 6.06 7.96
CA ASP A 44 25.65 4.71 8.47
C ASP A 44 25.25 4.66 9.94
N PHE A 45 24.22 3.85 10.24
CA PHE A 45 23.65 3.74 11.59
C PHE A 45 24.60 3.10 12.62
N ARG A 46 25.59 2.37 12.13
CA ARG A 46 26.65 1.79 12.97
C ARG A 46 27.55 2.88 13.56
N ASN A 55 21.71 14.05 20.20
CA ASN A 55 20.38 14.52 20.56
C ASN A 55 19.50 13.46 21.25
N LEU A 56 20.04 12.25 21.37
CA LEU A 56 19.36 11.15 22.04
C LEU A 56 19.76 11.02 23.52
N GLU A 57 20.64 11.92 23.97
CA GLU A 57 21.11 11.96 25.37
C GLU A 57 19.98 11.99 26.40
N LYS A 58 18.90 12.70 26.07
CA LYS A 58 17.75 12.89 26.97
C LYS A 58 17.04 11.59 27.38
N TYR A 59 17.20 10.54 26.57
CA TYR A 59 16.57 9.24 26.81
C TYR A 59 17.38 8.31 27.72
N HIS A 60 18.65 8.68 27.97
CA HIS A 60 19.54 7.92 28.84
C HIS A 60 19.54 6.42 28.50
N LEU A 61 19.82 6.13 27.23
CA LEU A 61 19.90 4.74 26.74
C LEU A 61 20.92 3.94 27.57
N PRO A 62 20.62 2.66 27.87
CA PRO A 62 21.58 1.85 28.65
C PRO A 62 22.94 1.73 27.94
N TYR A 63 22.89 1.66 26.61
CA TYR A 63 24.05 1.70 25.72
C TYR A 63 23.51 2.13 24.35
N PRO A 64 24.37 2.73 23.49
CA PRO A 64 23.87 3.25 22.21
C PRO A 64 23.15 2.24 21.31
N GLU A 65 23.60 0.98 21.32
CA GLU A 65 23.05 -0.08 20.47
C GLU A 65 21.59 -0.46 20.75
N ALA A 66 21.10 -0.12 21.96
CA ALA A 66 19.73 -0.42 22.38
C ALA A 66 18.66 0.20 21.46
N ILE A 67 19.06 1.27 20.76
CA ILE A 67 18.20 2.00 19.79
C ILE A 67 17.65 1.10 18.67
N PHE A 68 18.39 0.05 18.31
CA PHE A 68 17.96 -0.88 17.25
C PHE A 68 17.69 -2.31 17.73
N GLU A 69 17.57 -2.50 19.05
CA GLU A 69 17.25 -3.82 19.61
C GLU A 69 15.75 -3.94 19.89
N ILE A 70 15.16 -5.03 19.40
CA ILE A 70 13.70 -5.23 19.49
C ILE A 70 13.14 -5.23 20.92
N SER A 71 13.87 -5.84 21.86
CA SER A 71 13.42 -5.93 23.24
C SER A 71 13.32 -4.54 23.86
N TYR A 72 14.33 -3.70 23.60
CA TYR A 72 14.32 -2.32 24.10
C TYR A 72 13.27 -1.47 23.37
N PHE A 73 13.25 -1.59 22.04
CA PHE A 73 12.32 -0.83 21.21
C PHE A 73 10.85 -1.03 21.61
N LYS A 74 10.46 -2.29 21.82
CA LYS A 74 9.05 -2.60 22.09
C LYS A 74 8.50 -1.95 23.35
N LYS A 75 9.38 -1.72 24.33
CA LYS A 75 9.01 -1.08 25.60
C LYS A 75 9.27 0.43 25.60
N HIS A 76 10.32 0.85 24.89
CA HIS A 76 10.71 2.27 24.81
C HIS A 76 10.97 2.66 23.36
N PRO A 77 9.90 2.88 22.57
CA PRO A 77 10.05 3.15 21.13
C PRO A 77 10.46 4.59 20.78
N GLU A 78 10.32 5.49 21.76
CA GLU A 78 10.52 6.93 21.54
C GLU A 78 11.91 7.31 21.01
N PRO A 79 13.00 6.75 21.61
CA PRO A 79 14.34 7.07 21.07
C PRO A 79 14.48 6.75 19.59
N PHE A 80 14.02 5.56 19.17
CA PHE A 80 14.06 5.17 17.75
C PHE A 80 13.33 6.17 16.85
N PHE A 81 12.11 6.55 17.24
CA PHE A 81 11.32 7.46 16.41
C PHE A 81 11.87 8.88 16.37
N ALA A 82 12.50 9.31 17.48
CA ALA A 82 13.21 10.58 17.53
C ALA A 82 14.39 10.60 16.54
N LEU A 83 15.15 9.50 16.49
CA LEU A 83 16.24 9.35 15.55
C LEU A 83 15.73 9.32 14.11
N ALA A 84 14.62 8.61 13.89
CA ALA A 84 13.99 8.53 12.57
C ALA A 84 13.64 9.92 12.03
N LYS A 85 13.13 10.80 12.91
CA LYS A 85 12.83 12.20 12.56
C LYS A 85 14.08 12.98 12.15
N GLU A 86 15.15 12.83 12.92
CA GLU A 86 16.41 13.53 12.70
C GLU A 86 17.07 13.14 11.37
N LEU A 87 16.97 11.85 11.02
CA LEU A 87 17.69 11.30 9.87
C LEU A 87 16.83 11.10 8.61
N TYR A 88 15.53 11.37 8.70
CA TYR A 88 14.62 11.19 7.57
C TYR A 88 15.05 12.09 6.40
N PRO A 89 15.30 11.48 5.22
CA PRO A 89 15.81 12.27 4.09
C PRO A 89 14.74 13.16 3.47
N GLY A 90 15.16 14.25 2.83
CA GLY A 90 14.23 15.17 2.16
C GLY A 90 13.69 14.61 0.85
N GLN A 91 14.33 13.55 0.37
CA GLN A 91 14.05 12.94 -0.92
C GLN A 91 14.69 11.55 -0.95
N PHE A 92 14.09 10.64 -1.71
CA PHE A 92 14.67 9.31 -1.91
C PHE A 92 15.26 9.20 -3.30
N LYS A 93 16.57 9.39 -3.39
CA LYS A 93 17.27 9.41 -4.67
C LYS A 93 18.42 8.40 -4.66
N PRO A 94 18.30 7.29 -5.44
CA PRO A 94 19.35 6.27 -5.45
C PRO A 94 20.69 6.82 -5.98
N THR A 95 21.76 6.16 -5.56
CA THR A 95 23.13 6.58 -5.88
C THR A 95 23.61 5.92 -7.18
N ILE A 96 24.75 6.40 -7.69
CA ILE A 96 25.48 5.72 -8.79
C ILE A 96 25.59 4.21 -8.56
N CYS A 97 25.93 3.81 -7.32
CA CYS A 97 26.06 2.40 -6.96
C CYS A 97 24.75 1.62 -7.17
N HIS A 98 23.63 2.19 -6.75
CA HIS A 98 22.31 1.61 -7.02
C HIS A 98 22.07 1.45 -8.53
N TYR A 99 22.44 2.47 -9.31
CA TYR A 99 22.24 2.42 -10.76
C TYR A 99 23.18 1.47 -11.48
N PHE A 100 24.37 1.22 -10.91
CA PHE A 100 25.25 0.17 -11.40
C PHE A 100 24.54 -1.19 -11.32
N MET A 101 23.83 -1.43 -10.22
CA MET A 101 23.06 -2.66 -10.05
C MET A 101 21.90 -2.74 -11.04
N ARG A 102 21.26 -1.60 -11.32
CA ARG A 102 20.25 -1.50 -12.38
C ARG A 102 20.83 -1.90 -13.75
N LEU A 103 22.05 -1.46 -14.05
CA LEU A 103 22.74 -1.89 -15.27
C LEU A 103 22.96 -3.39 -15.32
N LEU A 104 23.39 -3.99 -14.22
CA LEU A 104 23.55 -5.44 -14.14
C LEU A 104 22.23 -6.15 -14.44
N LYS A 105 21.15 -5.66 -13.84
CA LYS A 105 19.79 -6.17 -14.11
C LYS A 105 19.44 -6.15 -15.60
N ASP A 106 19.58 -4.97 -16.21
CA ASP A 106 19.17 -4.76 -17.61
C ASP A 106 20.01 -5.55 -18.61
N LYS A 107 21.23 -5.88 -18.20
CA LYS A 107 22.16 -6.67 -19.02
C LYS A 107 22.02 -8.17 -18.78
N GLY A 108 21.07 -8.57 -17.94
CA GLY A 108 20.80 -9.99 -17.65
C GLY A 108 21.80 -10.66 -16.74
N LEU A 109 22.58 -9.86 -16.02
CA LEU A 109 23.68 -10.34 -15.19
C LEU A 109 23.35 -10.45 -13.71
N LEU A 110 22.22 -9.90 -13.30
CA LEU A 110 21.86 -9.87 -11.87
C LEU A 110 21.05 -11.08 -11.43
N LEU A 111 21.69 -11.99 -10.68
CA LEU A 111 21.01 -13.12 -10.06
C LEU A 111 20.15 -12.63 -8.89
N ARG A 112 20.71 -11.75 -8.07
CA ARG A 112 20.04 -11.22 -6.90
C ARG A 112 20.84 -10.09 -6.30
N CYS A 113 20.12 -9.14 -5.69
CA CYS A 113 20.72 -8.17 -4.79
C CYS A 113 20.22 -8.46 -3.38
N TYR A 114 21.15 -8.82 -2.51
CA TYR A 114 20.89 -8.96 -1.07
C TYR A 114 21.28 -7.65 -0.41
N THR A 115 20.30 -7.02 0.22
CA THR A 115 20.54 -5.73 0.87
C THR A 115 20.30 -5.75 2.37
N GLN A 116 21.18 -5.05 3.09
CA GLN A 116 21.05 -4.81 4.52
C GLN A 116 20.27 -3.53 4.80
N ASN A 117 20.05 -2.72 3.76
CA ASN A 117 19.45 -1.40 3.90
C ASN A 117 17.93 -1.45 3.89
N ILE A 118 17.32 -0.45 4.52
CA ILE A 118 15.87 -0.38 4.68
C ILE A 118 15.27 0.84 3.97
N ASP A 119 16.08 1.47 3.12
CA ASP A 119 15.77 2.79 2.57
C ASP A 119 14.99 2.80 1.25
N THR A 120 14.71 1.61 0.70
CA THR A 120 13.96 1.40 -0.57
C THR A 120 14.68 1.87 -1.85
N LEU A 121 15.95 2.27 -1.75
CA LEU A 121 16.62 2.86 -2.89
C LEU A 121 16.90 1.87 -4.04
N GLU A 122 17.05 0.59 -3.71
CA GLU A 122 17.17 -0.45 -4.75
C GLU A 122 15.90 -0.50 -5.59
N ARG A 123 14.73 -0.49 -4.92
CA ARG A 123 13.44 -0.48 -5.59
C ARG A 123 13.32 0.73 -6.51
N ILE A 124 13.66 1.90 -5.98
CA ILE A 124 13.52 3.16 -6.72
C ILE A 124 14.46 3.18 -7.94
N ALA A 125 15.63 2.57 -7.80
CA ALA A 125 16.59 2.43 -8.90
C ALA A 125 16.12 1.48 -10.02
N GLY A 126 15.03 0.76 -9.76
CA GLY A 126 14.42 -0.12 -10.76
C GLY A 126 14.68 -1.61 -10.58
N LEU A 127 15.26 -1.98 -9.44
CA LEU A 127 15.33 -3.41 -9.10
C LEU A 127 13.94 -3.84 -8.65
N GLU A 128 13.46 -4.94 -9.23
CA GLU A 128 12.12 -5.45 -8.94
C GLU A 128 12.13 -6.36 -7.70
N GLN A 129 10.94 -6.68 -7.20
CA GLN A 129 10.76 -7.52 -6.02
C GLN A 129 11.55 -8.84 -6.14
N GLU A 130 11.45 -9.50 -7.29
CA GLU A 130 12.15 -10.76 -7.51
C GLU A 130 13.68 -10.61 -7.57
N ASP A 131 14.17 -9.42 -7.91
CA ASP A 131 15.62 -9.13 -7.91
C ASP A 131 16.22 -9.01 -6.51
N LEU A 132 15.36 -8.74 -5.53
CA LEU A 132 15.81 -8.33 -4.20
C LEU A 132 15.57 -9.36 -3.11
N VAL A 133 16.54 -9.43 -2.20
CA VAL A 133 16.33 -9.95 -0.86
C VAL A 133 16.58 -8.78 0.08
N GLU A 134 15.50 -8.23 0.61
CA GLU A 134 15.58 -7.16 1.60
C GLU A 134 15.74 -7.86 2.94
N ALA A 135 17.00 -8.19 3.25
CA ALA A 135 17.36 -9.05 4.38
C ALA A 135 16.94 -8.47 5.74
N HIS A 136 16.94 -7.13 5.83
CA HIS A 136 16.58 -6.45 7.06
C HIS A 136 15.26 -5.70 6.97
N GLY A 137 14.42 -6.13 6.03
CA GLY A 137 13.10 -5.53 5.83
C GLY A 137 13.15 -4.17 5.17
N THR A 138 12.16 -3.34 5.47
CA THR A 138 11.97 -2.07 4.76
C THR A 138 11.27 -1.03 5.64
N PHE A 139 11.57 0.24 5.41
CA PHE A 139 10.85 1.33 6.07
C PHE A 139 9.54 1.62 5.34
N TYR A 140 9.36 1.08 4.14
CA TYR A 140 8.28 1.48 3.24
C TYR A 140 6.88 1.19 3.78
N THR A 141 6.74 0.05 4.43
CA THR A 141 5.46 -0.38 5.01
C THR A 141 5.64 -0.58 6.51
N SER A 142 4.54 -0.44 7.23
CA SER A 142 4.54 -0.56 8.68
C SER A 142 3.39 -1.45 9.15
N HIS A 143 3.55 -2.07 10.32
CA HIS A 143 2.50 -2.90 10.89
C HIS A 143 2.42 -2.81 12.38
N CYS A 144 1.19 -2.90 12.87
CA CYS A 144 0.91 -3.17 14.27
C CYS A 144 1.64 -4.45 14.71
N VAL A 145 2.20 -4.42 15.92
CA VAL A 145 3.00 -5.55 16.43
C VAL A 145 2.17 -6.74 16.94
N SER A 146 0.86 -6.53 17.14
CA SER A 146 0.00 -7.58 17.68
C SER A 146 -0.31 -8.61 16.59
N ALA A 147 0.03 -9.87 16.87
CA ALA A 147 -0.12 -10.99 15.91
C ALA A 147 -1.56 -11.23 15.46
N SER A 148 -2.51 -11.01 16.37
CA SER A 148 -3.93 -11.17 16.08
C SER A 148 -4.54 -9.99 15.31
N CYS A 149 -3.76 -8.93 15.10
CA CYS A 149 -4.24 -7.74 14.41
C CYS A 149 -3.42 -7.43 13.15
N ARG A 150 -2.16 -7.09 13.32
CA ARG A 150 -1.21 -6.80 12.23
C ARG A 150 -1.73 -5.76 11.22
N HIS A 151 -2.45 -4.75 11.72
CA HIS A 151 -2.96 -3.68 10.84
C HIS A 151 -1.79 -3.01 10.12
N GLU A 152 -1.94 -2.86 8.81
CA GLU A 152 -0.92 -2.24 7.94
C GLU A 152 -1.08 -0.72 7.94
N TYR A 153 0.05 -0.02 7.90
CA TYR A 153 0.09 1.43 7.73
C TYR A 153 1.14 1.85 6.68
N PRO A 154 0.79 2.80 5.80
CA PRO A 154 1.69 3.23 4.73
C PRO A 154 2.75 4.22 5.21
N LEU A 155 3.76 4.45 4.38
CA LEU A 155 4.84 5.40 4.69
C LEU A 155 4.33 6.79 5.06
N SER A 156 3.34 7.32 4.33
CA SER A 156 2.76 8.63 4.64
C SER A 156 2.22 8.75 6.07
N TRP A 157 1.57 7.68 6.54
CA TRP A 157 1.07 7.59 7.91
C TRP A 157 2.22 7.56 8.91
N MET A 158 3.22 6.72 8.64
CA MET A 158 4.39 6.55 9.50
C MET A 158 5.21 7.84 9.56
N LYS A 159 5.40 8.48 8.40
CA LYS A 159 6.14 9.74 8.32
C LYS A 159 5.46 10.84 9.13
N GLU A 160 4.12 10.92 9.05
CA GLU A 160 3.34 11.90 9.80
C GLU A 160 3.52 11.73 11.32
N LYS A 161 3.49 10.48 11.79
CA LYS A 161 3.71 10.18 13.21
C LYS A 161 5.12 10.58 13.64
N ILE A 162 6.10 10.26 12.79
CA ILE A 162 7.51 10.59 13.04
C ILE A 162 7.73 12.09 13.13
N PHE A 163 7.17 12.86 12.19
CA PHE A 163 7.40 14.30 12.19
C PHE A 163 6.62 15.07 13.26
N SER A 164 5.43 14.58 13.59
CA SER A 164 4.61 15.19 14.65
C SER A 164 5.03 14.75 16.06
N GLU A 165 5.99 13.82 16.12
CA GLU A 165 6.54 13.25 17.37
C GLU A 165 5.46 12.56 18.22
N VAL A 166 4.51 11.91 17.55
CA VAL A 166 3.49 11.07 18.20
C VAL A 166 3.90 9.63 17.93
N THR A 167 4.11 8.85 18.99
CA THR A 167 4.50 7.45 18.85
C THR A 167 3.42 6.68 18.08
N PRO A 168 3.81 6.03 16.94
CA PRO A 168 2.86 5.24 16.16
C PRO A 168 2.13 4.20 17.00
N LYS A 169 0.80 4.23 16.93
CA LYS A 169 -0.05 3.36 17.70
C LYS A 169 -1.17 2.88 16.79
N CYS A 170 -1.52 1.61 16.91
CA CYS A 170 -2.56 1.01 16.08
C CYS A 170 -3.92 1.59 16.40
N GLU A 171 -4.63 2.00 15.35
CA GLU A 171 -5.92 2.64 15.54
C GLU A 171 -7.03 1.67 15.93
N ASP A 172 -6.76 0.37 15.78
CA ASP A 172 -7.69 -0.68 16.20
C ASP A 172 -7.42 -1.21 17.60
N CYS A 173 -6.21 -1.72 17.85
CA CYS A 173 -5.94 -2.47 19.07
C CYS A 173 -5.00 -1.76 20.05
N GLN A 174 -4.56 -0.55 19.70
CA GLN A 174 -3.72 0.31 20.56
C GLN A 174 -2.28 -0.14 20.74
N SER A 175 -1.89 -1.22 20.08
CA SER A 175 -0.52 -1.72 20.14
C SER A 175 0.43 -0.81 19.35
N LEU A 176 1.72 -0.97 19.63
CA LEU A 176 2.77 -0.28 18.89
C LEU A 176 2.71 -0.62 17.40
N VAL A 177 2.91 0.40 16.57
CA VAL A 177 3.13 0.20 15.13
C VAL A 177 4.60 0.47 14.83
N LYS A 178 5.22 -0.46 14.10
CA LYS A 178 6.62 -0.32 13.72
C LYS A 178 6.78 -0.40 12.21
N PRO A 179 7.80 0.31 11.66
CA PRO A 179 8.19 0.04 10.28
C PRO A 179 8.61 -1.43 10.13
N ASP A 180 8.47 -1.94 8.91
CA ASP A 180 8.73 -3.36 8.63
C ASP A 180 10.23 -3.66 8.52
N ILE A 181 11.01 -3.02 9.37
CA ILE A 181 12.45 -3.29 9.46
C ILE A 181 12.67 -4.46 10.42
N VAL A 182 13.73 -5.22 10.17
CA VAL A 182 14.17 -6.27 11.09
C VAL A 182 15.07 -5.58 12.10
N PHE A 183 14.58 -5.45 13.34
CA PHE A 183 15.39 -4.95 14.44
C PHE A 183 16.36 -6.06 14.85
N PHE A 184 17.47 -5.68 15.48
CA PHE A 184 18.35 -6.67 16.10
C PHE A 184 17.56 -7.49 17.11
N GLY A 185 17.73 -8.81 17.04
CA GLY A 185 16.96 -9.74 17.87
C GLY A 185 15.70 -10.29 17.22
N GLU A 186 15.36 -9.80 16.03
CA GLU A 186 14.24 -10.33 15.24
C GLU A 186 14.70 -11.31 14.18
N SER A 187 13.81 -12.23 13.81
CA SER A 187 14.07 -13.18 12.73
C SER A 187 14.11 -12.48 11.38
N LEU A 188 15.00 -12.95 10.51
CA LEU A 188 15.04 -12.48 9.13
C LEU A 188 13.88 -13.10 8.35
N PRO A 189 13.46 -12.47 7.23
CA PRO A 189 12.34 -13.04 6.48
C PRO A 189 12.67 -14.41 5.90
N ALA A 190 11.66 -15.26 5.76
CA ALA A 190 11.82 -16.59 5.16
C ALA A 190 12.49 -16.51 3.79
N ARG A 191 12.17 -15.47 3.03
CA ARG A 191 12.75 -15.23 1.70
C ARG A 191 14.28 -15.22 1.71
N PHE A 192 14.87 -14.64 2.76
CA PHE A 192 16.32 -14.61 2.93
C PHE A 192 16.90 -16.02 2.88
N PHE A 193 16.36 -16.93 3.68
CA PHE A 193 16.88 -18.29 3.78
C PHE A 193 16.54 -19.12 2.56
N SER A 194 15.33 -18.91 2.00
CA SER A 194 14.91 -19.58 0.78
C SER A 194 15.81 -19.24 -0.42
N CYS A 195 16.07 -17.95 -0.62
CA CYS A 195 16.93 -17.52 -1.73
C CYS A 195 18.39 -17.93 -1.53
N MET A 196 18.88 -17.82 -0.30
CA MET A 196 20.26 -18.23 0.07
C MET A 196 20.55 -19.69 -0.31
N GLN A 197 19.56 -20.56 -0.08
CA GLN A 197 19.68 -21.99 -0.38
C GLN A 197 19.76 -22.32 -1.88
N SER A 198 19.37 -21.39 -2.74
CA SER A 198 19.39 -21.60 -4.18
C SER A 198 20.46 -20.77 -4.88
N ASP A 199 20.53 -19.48 -4.54
CA ASP A 199 21.36 -18.52 -5.27
C ASP A 199 22.85 -18.82 -5.21
N PHE A 200 23.31 -19.29 -4.06
CA PHE A 200 24.75 -19.48 -3.82
C PHE A 200 25.26 -20.86 -4.26
N LEU A 201 24.37 -21.69 -4.81
CA LEU A 201 24.77 -22.99 -5.37
C LEU A 201 25.47 -22.84 -6.72
N LYS A 202 25.11 -21.78 -7.46
CA LYS A 202 25.66 -21.51 -8.78
C LYS A 202 25.61 -20.01 -9.03
N VAL A 203 26.79 -19.39 -8.90
CA VAL A 203 26.96 -17.94 -9.07
C VAL A 203 28.40 -17.69 -9.55
N ASP A 204 28.54 -16.77 -10.49
CA ASP A 204 29.81 -16.48 -11.14
C ASP A 204 30.64 -15.38 -10.47
N LEU A 205 29.98 -14.43 -9.82
CA LEU A 205 30.67 -13.32 -9.15
C LEU A 205 29.87 -12.81 -7.97
N LEU A 206 30.56 -12.51 -6.87
CA LEU A 206 29.96 -11.75 -5.77
C LEU A 206 30.50 -10.33 -5.75
N LEU A 207 29.58 -9.37 -5.71
CA LEU A 207 29.92 -7.96 -5.64
C LEU A 207 29.46 -7.46 -4.28
N VAL A 208 30.43 -7.23 -3.39
CA VAL A 208 30.17 -6.85 -2.00
C VAL A 208 30.45 -5.36 -1.88
N MET A 209 29.41 -4.57 -1.62
CA MET A 209 29.56 -3.11 -1.69
C MET A 209 28.98 -2.40 -0.49
N GLY A 210 29.80 -1.54 0.12
CA GLY A 210 29.34 -0.68 1.21
C GLY A 210 28.95 -1.40 2.48
N THR A 211 29.62 -2.53 2.75
CA THR A 211 29.41 -3.27 3.99
C THR A 211 30.70 -3.89 4.49
N SER A 212 30.89 -3.81 5.81
CA SER A 212 32.04 -4.45 6.47
C SER A 212 31.68 -5.87 6.97
N LEU A 213 30.47 -6.31 6.64
CA LEU A 213 29.95 -7.64 6.97
C LEU A 213 30.08 -7.99 8.46
N GLN A 214 29.49 -7.14 9.29
CA GLN A 214 29.53 -7.27 10.75
C GLN A 214 28.23 -7.82 11.34
N VAL A 215 27.17 -7.82 10.52
CA VAL A 215 25.83 -8.21 10.97
C VAL A 215 25.51 -9.63 10.48
N GLN A 216 25.12 -10.49 11.42
CA GLN A 216 24.75 -11.88 11.11
C GLN A 216 23.21 -12.04 11.05
N PRO A 217 22.68 -12.99 10.26
CA PRO A 217 23.44 -13.94 9.45
C PRO A 217 23.82 -13.43 8.04
N PHE A 218 23.59 -12.14 7.77
CA PHE A 218 23.95 -11.56 6.47
C PHE A 218 25.42 -11.77 6.13
N ALA A 219 26.30 -11.53 7.10
CA ALA A 219 27.76 -11.67 6.92
C ALA A 219 28.19 -13.05 6.42
N SER A 220 27.44 -14.09 6.80
CA SER A 220 27.73 -15.48 6.43
C SER A 220 27.51 -15.83 4.95
N LEU A 221 26.81 -14.95 4.23
CA LEU A 221 26.39 -15.23 2.85
C LEU A 221 27.53 -15.48 1.86
N ILE A 222 28.62 -14.73 1.98
CA ILE A 222 29.71 -14.83 1.01
C ILE A 222 30.47 -16.17 1.08
N SER A 223 30.45 -16.81 2.25
CA SER A 223 31.03 -18.16 2.45
C SER A 223 30.21 -19.26 1.78
N LYS A 224 28.95 -18.96 1.44
CA LYS A 224 28.04 -19.94 0.83
C LYS A 224 28.28 -20.17 -0.65
N ALA A 225 28.97 -19.23 -1.30
CA ALA A 225 29.29 -19.31 -2.74
C ALA A 225 30.29 -20.44 -3.00
N PRO A 226 30.31 -21.01 -4.24
CA PRO A 226 31.37 -21.97 -4.57
C PRO A 226 32.76 -21.38 -4.36
N LEU A 227 33.71 -22.23 -4.00
CA LEU A 227 35.08 -21.80 -3.67
C LEU A 227 35.82 -21.09 -4.82
N SER A 228 35.38 -21.35 -6.05
CA SER A 228 35.95 -20.74 -7.24
C SER A 228 35.35 -19.37 -7.61
N THR A 229 34.21 -19.00 -6.99
CA THR A 229 33.53 -17.75 -7.31
C THR A 229 34.35 -16.53 -6.88
N PRO A 230 34.79 -15.68 -7.86
CA PRO A 230 35.50 -14.47 -7.47
C PRO A 230 34.62 -13.51 -6.68
N ARG A 231 35.24 -12.72 -5.82
CA ARG A 231 34.54 -11.80 -4.94
C ARG A 231 35.24 -10.46 -4.91
N LEU A 232 34.53 -9.41 -5.34
CA LEU A 232 35.04 -8.05 -5.31
C LEU A 232 34.37 -7.24 -4.20
N LEU A 233 35.20 -6.67 -3.34
CA LEU A 233 34.75 -5.73 -2.32
C LEU A 233 34.98 -4.30 -2.77
N ILE A 234 33.91 -3.50 -2.73
CA ILE A 234 34.00 -2.04 -2.92
C ILE A 234 33.50 -1.42 -1.61
N ASN A 235 34.44 -0.91 -0.82
CA ASN A 235 34.15 -0.40 0.52
C ASN A 235 35.24 0.56 1.00
N LYS A 236 34.87 1.44 1.94
CA LYS A 236 35.83 2.38 2.57
C LYS A 236 36.99 1.69 3.30
N GLU A 237 36.75 0.46 3.78
CA GLU A 237 37.76 -0.34 4.48
C GLU A 237 37.64 -1.83 4.19
N LYS A 238 38.74 -2.56 4.36
CA LYS A 238 38.79 -4.03 4.18
C LYS A 238 38.07 -4.75 5.31
N GLY A 241 34.00 -9.15 8.24
CA GLY A 241 33.79 -10.40 8.95
C GLY A 241 33.12 -11.48 8.10
N GLY A 242 33.43 -11.50 6.81
CA GLY A 242 32.88 -12.48 5.87
C GLY A 242 33.83 -13.60 5.46
N GLY A 243 35.12 -13.44 5.77
CA GLY A 243 36.14 -14.43 5.43
C GLY A 243 36.82 -14.19 4.10
N MET A 244 37.10 -12.92 3.80
CA MET A 244 37.82 -12.51 2.59
C MET A 244 39.32 -12.65 2.79
N ASP A 245 40.02 -13.05 1.72
CA ASP A 245 41.49 -13.10 1.73
C ASP A 245 42.07 -12.37 0.51
N PHE A 246 42.47 -11.13 0.74
CA PHE A 246 43.01 -10.27 -0.32
C PHE A 246 44.53 -10.38 -0.45
N ASP A 247 45.22 -10.54 0.67
CA ASP A 247 46.64 -10.17 0.77
C ASP A 247 47.65 -11.30 1.00
N SER A 248 47.22 -12.39 1.64
CA SER A 248 48.12 -13.51 1.96
C SER A 248 48.65 -14.23 0.71
N LYS A 249 49.69 -15.04 0.87
CA LYS A 249 50.25 -15.82 -0.24
C LYS A 249 49.24 -16.82 -0.83
N LYS A 250 48.20 -17.13 -0.06
CA LYS A 250 47.13 -18.04 -0.46
C LYS A 250 45.95 -17.36 -1.18
N ALA A 251 46.00 -16.03 -1.31
CA ALA A 251 44.96 -15.26 -2.01
C ALA A 251 44.84 -15.69 -3.47
N TYR A 252 43.60 -15.87 -3.93
CA TYR A 252 43.35 -16.46 -5.24
C TYR A 252 42.10 -15.96 -5.97
N ARG A 253 41.19 -15.29 -5.26
CA ARG A 253 39.88 -14.93 -5.83
C ARG A 253 39.24 -13.64 -5.30
N ASP A 254 39.80 -13.10 -4.22
CA ASP A 254 39.22 -11.93 -3.57
C ASP A 254 39.98 -10.66 -3.91
N VAL A 255 39.25 -9.60 -4.27
CA VAL A 255 39.82 -8.32 -4.67
C VAL A 255 39.15 -7.19 -3.88
N ALA A 256 39.95 -6.27 -3.35
CA ALA A 256 39.44 -5.10 -2.64
C ALA A 256 39.72 -3.81 -3.39
N TRP A 257 38.68 -2.99 -3.56
CA TRP A 257 38.81 -1.63 -4.06
C TRP A 257 38.37 -0.70 -2.93
N LEU A 258 39.32 0.09 -2.43
CA LEU A 258 39.06 0.89 -1.24
C LEU A 258 38.72 2.34 -1.55
N GLY A 259 37.59 2.78 -1.03
CA GLY A 259 37.06 4.12 -1.22
C GLY A 259 35.55 4.13 -1.17
N GLU A 260 34.94 5.20 -1.69
CA GLU A 260 33.48 5.35 -1.70
C GLU A 260 32.86 4.51 -2.82
N CYS A 261 31.66 3.99 -2.56
CA CYS A 261 30.98 3.05 -3.47
C CYS A 261 30.67 3.64 -4.85
N ASP A 262 30.29 4.92 -4.89
CA ASP A 262 30.01 5.61 -6.16
C ASP A 262 31.23 5.63 -7.05
N GLN A 263 32.38 5.94 -6.45
CA GLN A 263 33.64 6.08 -7.17
C GLN A 263 34.16 4.72 -7.63
N GLY A 264 33.98 3.70 -6.79
CA GLY A 264 34.31 2.31 -7.15
C GLY A 264 33.50 1.78 -8.32
N CYS A 265 32.19 2.06 -8.29
CA CYS A 265 31.31 1.67 -9.38
C CYS A 265 31.62 2.41 -10.70
N LEU A 266 31.96 3.69 -10.59
CA LEU A 266 32.38 4.47 -11.77
C LEU A 266 33.66 3.91 -12.38
N ALA A 267 34.61 3.53 -11.53
CA ALA A 267 35.89 2.95 -11.98
C ALA A 267 35.67 1.62 -12.68
N LEU A 268 34.84 0.75 -12.09
CA LEU A 268 34.52 -0.55 -12.69
C LEU A 268 33.75 -0.39 -14.01
N ALA A 269 32.75 0.50 -14.02
CA ALA A 269 31.97 0.79 -15.23
C ALA A 269 32.85 1.25 -16.38
N GLU A 270 33.83 2.12 -16.09
CA GLU A 270 34.76 2.62 -17.12
C GLU A 270 35.59 1.49 -17.74
N LEU A 271 36.10 0.60 -16.90
CA LEU A 271 36.84 -0.59 -17.37
C LEU A 271 35.98 -1.52 -18.22
N LEU A 272 34.68 -1.59 -17.90
CA LEU A 272 33.73 -2.40 -18.66
C LEU A 272 33.24 -1.73 -19.93
N GLY A 273 33.52 -0.43 -20.08
CA GLY A 273 33.03 0.38 -21.19
C GLY A 273 31.60 0.86 -21.00
N TRP A 274 31.17 0.92 -19.74
CA TRP A 274 29.80 1.31 -19.39
C TRP A 274 29.69 2.72 -18.78
N LYS A 275 30.80 3.46 -18.71
CA LYS A 275 30.82 4.79 -18.07
C LYS A 275 29.73 5.73 -18.59
N LYS A 276 29.64 5.88 -19.91
CA LYS A 276 28.62 6.72 -20.54
C LYS A 276 27.20 6.21 -20.23
N GLU A 277 27.00 4.91 -20.39
CA GLU A 277 25.70 4.27 -20.13
C GLU A 277 25.24 4.53 -18.69
N LEU A 278 26.16 4.36 -17.74
CA LEU A 278 25.87 4.57 -16.33
C LEU A 278 25.53 6.03 -16.00
N GLU A 279 26.34 6.95 -16.50
CA GLU A 279 26.15 8.38 -16.23
C GLU A 279 24.86 8.94 -16.83
N ASP A 280 24.53 8.48 -18.04
CA ASP A 280 23.24 8.80 -18.68
C ASP A 280 22.06 8.29 -17.87
N LEU A 281 22.16 7.04 -17.41
CA LEU A 281 21.12 6.42 -16.60
C LEU A 281 20.89 7.19 -15.30
N VAL A 282 21.97 7.48 -14.58
CA VAL A 282 21.91 8.24 -13.34
C VAL A 282 21.25 9.61 -13.59
N ARG A 283 21.72 10.32 -14.61
CA ARG A 283 21.19 11.66 -14.90
C ARG A 283 19.73 11.70 -15.33
N ARG A 284 19.31 10.76 -16.18
CA ARG A 284 17.90 10.72 -16.57
C ARG A 284 16.98 10.29 -15.41
N GLU A 285 17.44 9.35 -14.59
CA GLU A 285 16.63 8.88 -13.45
C GLU A 285 16.54 9.93 -12.35
N HIS A 286 17.67 10.60 -12.05
CA HIS A 286 17.69 11.73 -11.13
C HIS A 286 16.78 12.86 -11.62
N ALA A 287 16.84 13.18 -12.92
CA ALA A 287 15.95 14.19 -13.51
C ALA A 287 14.48 13.83 -13.29
N SER A 288 14.13 12.57 -13.56
CA SER A 288 12.77 12.05 -13.34
C SER A 288 12.31 12.23 -11.89
N ILE A 289 13.19 11.86 -10.95
CA ILE A 289 12.88 11.99 -9.50
C ILE A 289 12.73 13.45 -9.09
N ASP A 290 13.60 14.32 -9.58
CA ASP A 290 13.56 15.76 -9.30
C ASP A 290 12.33 16.47 -9.90
N ALA A 291 11.82 15.92 -11.00
CA ALA A 291 10.64 16.45 -11.70
C ALA A 291 9.29 16.00 -11.10
N GLN A 292 9.35 15.09 -10.11
CA GLN A 292 8.15 14.61 -9.41
C GLN A 292 7.51 15.71 -8.56
N LYS B 4 -7.25 19.28 -21.01
CA LYS B 4 -7.38 17.79 -20.99
C LYS B 4 -6.03 17.11 -21.22
N GLU B 5 -5.24 17.03 -20.14
CA GLU B 5 -3.94 16.32 -20.13
C GLU B 5 -4.18 14.82 -20.24
N ARG B 6 -3.34 14.12 -21.00
CA ARG B 6 -3.45 12.66 -21.19
C ARG B 6 -2.58 11.92 -20.17
N LEU B 7 -3.22 11.20 -19.25
CA LEU B 7 -2.49 10.52 -18.16
C LEU B 7 -2.40 9.01 -18.26
N LEU B 8 -3.37 8.37 -18.91
CA LEU B 8 -3.31 6.93 -19.16
C LEU B 8 -2.56 6.65 -20.45
N ASP B 9 -1.66 5.67 -20.41
CA ASP B 9 -0.91 5.28 -21.61
C ASP B 9 -1.75 4.45 -22.57
N GLU B 10 -2.84 3.87 -22.05
CA GLU B 10 -3.71 2.95 -22.78
C GLU B 10 -5.06 2.92 -22.03
N LEU B 11 -6.17 2.93 -22.77
CA LEU B 11 -7.50 2.90 -22.17
C LEU B 11 -7.95 1.48 -21.83
N THR B 12 -7.21 0.86 -20.92
CA THR B 12 -7.40 -0.54 -20.50
C THR B 12 -7.19 -0.66 -18.99
N LEU B 13 -7.60 -1.80 -18.43
CA LEU B 13 -7.34 -2.10 -17.02
C LEU B 13 -5.84 -2.08 -16.71
N GLU B 14 -5.05 -2.65 -17.62
CA GLU B 14 -3.60 -2.66 -17.52
C GLU B 14 -3.01 -1.25 -17.54
N GLY B 15 -3.61 -0.37 -18.34
CA GLY B 15 -3.24 1.05 -18.40
C GLY B 15 -3.51 1.77 -17.08
N VAL B 16 -4.68 1.52 -16.51
CA VAL B 16 -5.06 2.06 -15.19
C VAL B 16 -4.11 1.54 -14.10
N ALA B 17 -3.80 0.24 -14.15
CA ALA B 17 -2.88 -0.38 -13.19
C ALA B 17 -1.48 0.24 -13.22
N ARG B 18 -0.94 0.44 -14.44
CA ARG B 18 0.37 1.09 -14.59
C ARG B 18 0.35 2.53 -14.05
N TYR B 19 -0.74 3.25 -14.31
CA TYR B 19 -0.92 4.61 -13.79
C TYR B 19 -0.95 4.62 -12.26
N MET B 20 -1.70 3.69 -11.67
CA MET B 20 -1.80 3.54 -10.21
C MET B 20 -0.45 3.28 -9.54
N GLN B 21 0.41 2.54 -10.23
CA GLN B 21 1.75 2.24 -9.74
C GLN B 21 2.71 3.41 -9.83
N SER B 22 2.43 4.34 -10.76
CA SER B 22 3.28 5.50 -10.99
C SER B 22 3.20 6.49 -9.84
N GLU B 23 4.28 7.26 -9.64
CA GLU B 23 4.35 8.26 -8.57
C GLU B 23 3.27 9.36 -8.65
N ARG B 24 2.77 9.60 -9.87
CA ARG B 24 1.68 10.55 -10.15
C ARG B 24 0.40 10.21 -9.37
N CYS B 25 0.08 8.93 -9.29
CA CYS B 25 -1.19 8.49 -8.71
C CYS B 25 -1.10 8.34 -7.20
N ARG B 26 -1.42 9.43 -6.51
CA ARG B 26 -1.28 9.51 -5.05
C ARG B 26 -2.60 9.47 -4.30
N ARG B 27 -3.65 10.03 -4.91
CA ARG B 27 -4.95 10.18 -4.25
C ARG B 27 -6.10 9.62 -5.10
N VAL B 28 -6.79 8.63 -4.56
CA VAL B 28 -7.87 7.92 -5.24
C VAL B 28 -9.17 8.17 -4.50
N ILE B 29 -10.21 8.54 -5.25
CA ILE B 29 -11.57 8.57 -4.72
C ILE B 29 -12.35 7.38 -5.28
N CYS B 30 -12.98 6.63 -4.37
CA CYS B 30 -13.91 5.58 -4.74
C CYS B 30 -15.34 6.09 -4.64
N LEU B 31 -16.16 5.72 -5.64
CA LEU B 31 -17.56 6.04 -5.64
C LEU B 31 -18.29 4.73 -5.88
N VAL B 32 -19.09 4.32 -4.90
CA VAL B 32 -19.68 2.98 -4.88
C VAL B 32 -21.19 2.95 -4.69
N GLY B 33 -21.81 1.90 -5.23
CA GLY B 33 -23.25 1.66 -5.08
C GLY B 33 -23.61 0.22 -4.78
N ALA B 34 -24.86 -0.14 -5.03
CA ALA B 34 -25.44 -1.43 -4.61
C ALA B 34 -24.67 -2.65 -5.12
N GLY B 35 -24.04 -2.53 -6.28
CA GLY B 35 -23.30 -3.62 -6.90
C GLY B 35 -22.11 -4.16 -6.11
N ILE B 36 -21.60 -3.36 -5.16
CA ILE B 36 -20.49 -3.82 -4.33
C ILE B 36 -20.93 -4.67 -3.14
N SER B 37 -22.25 -4.77 -2.92
CA SER B 37 -22.79 -5.48 -1.77
C SER B 37 -23.70 -6.67 -2.09
N THR B 38 -23.95 -6.88 -3.38
CA THR B 38 -24.75 -8.04 -3.82
C THR B 38 -24.14 -9.38 -3.42
N SER B 39 -22.81 -9.50 -3.49
CA SER B 39 -22.14 -10.73 -3.04
C SER B 39 -22.05 -10.87 -1.50
N ALA B 40 -22.47 -9.84 -0.78
CA ALA B 40 -22.66 -9.89 0.68
C ALA B 40 -24.10 -10.23 1.06
N GLY B 41 -24.90 -10.64 0.06
CA GLY B 41 -26.28 -11.05 0.28
C GLY B 41 -27.31 -9.94 0.39
N ILE B 42 -26.93 -8.72 0.03
CA ILE B 42 -27.85 -7.59 0.01
C ILE B 42 -28.18 -7.25 -1.45
N PRO B 43 -29.43 -7.53 -1.89
CA PRO B 43 -29.83 -7.29 -3.27
C PRO B 43 -29.92 -5.80 -3.60
N ASP B 44 -29.74 -5.49 -4.89
CA ASP B 44 -29.89 -4.14 -5.43
C ASP B 44 -31.36 -3.72 -5.30
N PHE B 45 -31.62 -2.70 -4.47
CA PHE B 45 -32.99 -2.22 -4.21
C PHE B 45 -33.69 -1.68 -5.46
N ARG B 46 -32.90 -1.17 -6.40
CA ARG B 46 -33.40 -0.59 -7.64
C ARG B 46 -33.21 -1.52 -8.83
N TYR B 59 -49.59 -4.74 0.25
CA TYR B 59 -49.71 -3.30 0.49
C TYR B 59 -50.16 -2.56 -0.76
N HIS B 60 -51.02 -1.56 -0.56
CA HIS B 60 -51.57 -0.76 -1.66
C HIS B 60 -50.62 0.37 -2.06
N LEU B 61 -49.60 0.00 -2.84
CA LEU B 61 -48.58 0.94 -3.34
C LEU B 61 -49.03 1.58 -4.66
N PRO B 62 -48.94 2.92 -4.77
CA PRO B 62 -49.26 3.61 -6.03
C PRO B 62 -48.25 3.31 -7.15
N TYR B 63 -46.98 3.21 -6.79
CA TYR B 63 -45.88 2.86 -7.69
C TYR B 63 -44.73 2.24 -6.87
N PRO B 64 -43.89 1.37 -7.50
CA PRO B 64 -42.81 0.69 -6.76
C PRO B 64 -41.79 1.62 -6.08
N GLU B 65 -41.55 2.79 -6.67
CA GLU B 65 -40.56 3.76 -6.15
C GLU B 65 -40.99 4.45 -4.84
N ALA B 66 -42.28 4.39 -4.53
CA ALA B 66 -42.86 5.03 -3.33
C ALA B 66 -42.31 4.50 -2.00
N ILE B 67 -41.91 3.23 -1.99
CA ILE B 67 -41.35 2.56 -0.82
C ILE B 67 -40.01 3.19 -0.32
N PHE B 68 -39.36 3.96 -1.18
CA PHE B 68 -38.11 4.64 -0.86
C PHE B 68 -38.23 6.18 -0.80
N GLU B 69 -39.47 6.67 -0.93
CA GLU B 69 -39.75 8.12 -0.86
C GLU B 69 -40.21 8.53 0.53
N ILE B 70 -39.73 9.69 0.98
CA ILE B 70 -39.96 10.16 2.36
C ILE B 70 -41.42 10.48 2.69
N SER B 71 -42.10 11.21 1.80
CA SER B 71 -43.49 11.61 2.01
C SER B 71 -44.41 10.39 2.17
N TYR B 72 -44.22 9.39 1.31
CA TYR B 72 -44.97 8.13 1.41
C TYR B 72 -44.61 7.33 2.66
N PHE B 73 -43.33 7.36 3.04
CA PHE B 73 -42.85 6.68 4.25
C PHE B 73 -43.49 7.23 5.52
N LYS B 74 -43.58 8.56 5.60
CA LYS B 74 -44.19 9.23 6.77
C LYS B 74 -45.67 8.87 6.93
N LYS B 75 -46.37 8.73 5.81
CA LYS B 75 -47.79 8.34 5.80
C LYS B 75 -47.95 6.83 6.05
N HIS B 76 -47.20 6.03 5.30
CA HIS B 76 -47.29 4.57 5.39
C HIS B 76 -45.89 3.94 5.51
N PRO B 77 -45.36 3.82 6.75
CA PRO B 77 -44.01 3.25 6.96
C PRO B 77 -43.94 1.73 6.88
N GLU B 78 -45.10 1.06 6.97
CA GLU B 78 -45.18 -0.40 7.03
C GLU B 78 -44.54 -1.17 5.85
N PRO B 79 -44.78 -0.74 4.58
CA PRO B 79 -44.12 -1.46 3.48
C PRO B 79 -42.59 -1.46 3.54
N PHE B 80 -42.00 -0.31 3.90
CA PHE B 80 -40.55 -0.18 4.05
C PHE B 80 -39.98 -1.20 5.03
N PHE B 81 -40.61 -1.30 6.21
CA PHE B 81 -40.13 -2.19 7.27
C PHE B 81 -40.39 -3.67 7.00
N ALA B 82 -41.45 -3.96 6.25
CA ALA B 82 -41.72 -5.32 5.74
C ALA B 82 -40.63 -5.76 4.77
N LEU B 83 -40.24 -4.85 3.87
CA LEU B 83 -39.14 -5.07 2.93
C LEU B 83 -37.79 -5.19 3.65
N ALA B 84 -37.60 -4.38 4.70
CA ALA B 84 -36.40 -4.41 5.53
C ALA B 84 -36.18 -5.77 6.20
N LYS B 85 -37.26 -6.44 6.61
CA LYS B 85 -37.20 -7.77 7.22
C LYS B 85 -36.73 -8.84 6.23
N GLU B 86 -37.24 -8.77 5.00
CA GLU B 86 -36.91 -9.73 3.95
C GLU B 86 -35.47 -9.60 3.47
N LEU B 87 -34.92 -8.39 3.54
CA LEU B 87 -33.58 -8.10 3.01
C LEU B 87 -32.46 -8.04 4.04
N TYR B 88 -32.82 -7.99 5.33
CA TYR B 88 -31.84 -7.93 6.43
C TYR B 88 -30.97 -9.19 6.45
N PRO B 89 -29.63 -9.02 6.35
CA PRO B 89 -28.76 -10.21 6.31
C PRO B 89 -28.58 -10.87 7.69
N GLY B 90 -28.21 -12.15 7.69
CA GLY B 90 -27.94 -12.89 8.92
C GLY B 90 -26.60 -12.51 9.55
N GLN B 91 -25.76 -11.85 8.76
CA GLN B 91 -24.42 -11.43 9.16
C GLN B 91 -23.99 -10.30 8.23
N PHE B 92 -23.16 -9.39 8.75
CA PHE B 92 -22.62 -8.29 7.96
C PHE B 92 -21.14 -8.57 7.67
N LYS B 93 -20.87 -9.19 6.51
CA LYS B 93 -19.50 -9.49 6.09
C LYS B 93 -19.20 -8.74 4.79
N PRO B 94 -18.23 -7.81 4.83
CA PRO B 94 -17.89 -7.05 3.62
C PRO B 94 -17.27 -7.93 2.55
N THR B 95 -17.39 -7.46 1.31
CA THR B 95 -16.95 -8.21 0.12
C THR B 95 -15.48 -7.95 -0.20
N ILE B 96 -14.94 -8.71 -1.13
CA ILE B 96 -13.61 -8.47 -1.71
C ILE B 96 -13.47 -7.00 -2.13
N CYS B 97 -14.51 -6.48 -2.79
CA CYS B 97 -14.54 -5.10 -3.23
C CYS B 97 -14.38 -4.11 -2.06
N HIS B 98 -15.10 -4.33 -0.97
CA HIS B 98 -14.94 -3.51 0.24
C HIS B 98 -13.50 -3.56 0.77
N TYR B 99 -12.94 -4.77 0.81
CA TYR B 99 -11.56 -4.96 1.26
C TYR B 99 -10.51 -4.40 0.31
N PHE B 100 -10.85 -4.27 -0.98
CA PHE B 100 -9.96 -3.61 -1.91
C PHE B 100 -9.82 -2.13 -1.56
N MET B 101 -10.92 -1.51 -1.15
CA MET B 101 -10.90 -0.13 -0.67
C MET B 101 -10.13 0.01 0.62
N ARG B 102 -10.29 -0.97 1.51
CA ARG B 102 -9.47 -1.07 2.73
C ARG B 102 -7.98 -1.15 2.39
N LEU B 103 -7.64 -1.99 1.40
CA LEU B 103 -6.27 -2.11 0.95
C LEU B 103 -5.74 -0.78 0.41
N LEU B 104 -6.54 -0.09 -0.40
CA LEU B 104 -6.20 1.26 -0.86
C LEU B 104 -5.88 2.20 0.30
N LYS B 105 -6.72 2.16 1.35
CA LYS B 105 -6.48 2.95 2.58
C LYS B 105 -5.11 2.59 3.17
N ASP B 106 -4.87 1.29 3.34
CA ASP B 106 -3.65 0.81 3.97
C ASP B 106 -2.39 1.04 3.14
N LYS B 107 -2.57 1.24 1.83
CA LYS B 107 -1.47 1.60 0.93
C LYS B 107 -1.30 3.12 0.79
N GLY B 108 -2.13 3.88 1.49
CA GLY B 108 -2.03 5.35 1.48
C GLY B 108 -2.60 6.00 0.23
N LEU B 109 -3.41 5.27 -0.50
CA LEU B 109 -3.96 5.77 -1.76
C LEU B 109 -5.38 6.31 -1.67
N LEU B 110 -6.09 5.99 -0.59
CA LEU B 110 -7.50 6.36 -0.48
C LEU B 110 -7.71 7.77 0.07
N LEU B 111 -8.14 8.68 -0.79
CA LEU B 111 -8.57 10.00 -0.33
C LEU B 111 -9.95 9.94 0.32
N ARG B 112 -10.89 9.28 -0.34
CA ARG B 112 -12.26 9.17 0.16
C ARG B 112 -13.01 8.05 -0.54
N CYS B 113 -13.92 7.42 0.21
CA CYS B 113 -14.93 6.56 -0.38
C CYS B 113 -16.28 7.26 -0.21
N TYR B 114 -16.89 7.62 -1.34
CA TYR B 114 -18.27 8.12 -1.37
C TYR B 114 -19.15 6.93 -1.66
N THR B 115 -20.05 6.63 -0.72
CA THR B 115 -20.95 5.49 -0.86
C THR B 115 -22.43 5.88 -0.95
N GLN B 116 -23.15 5.17 -1.82
CA GLN B 116 -24.60 5.27 -1.91
C GLN B 116 -25.30 4.26 -1.02
N ASN B 117 -24.51 3.31 -0.49
CA ASN B 117 -25.04 2.20 0.30
C ASN B 117 -25.27 2.56 1.75
N ILE B 118 -26.22 1.88 2.37
CA ILE B 118 -26.61 2.15 3.76
C ILE B 118 -26.31 0.96 4.69
N ASP B 119 -25.59 -0.02 4.15
CA ASP B 119 -25.43 -1.33 4.80
C ASP B 119 -24.31 -1.43 5.83
N THR B 120 -23.53 -0.35 5.98
CA THR B 120 -22.40 -0.26 6.95
C THR B 120 -21.14 -1.07 6.61
N LEU B 121 -21.13 -1.73 5.46
CA LEU B 121 -20.04 -2.66 5.14
C LEU B 121 -18.69 -1.98 4.93
N GLU B 122 -18.68 -0.72 4.50
CA GLU B 122 -17.44 0.05 4.41
C GLU B 122 -16.81 0.23 5.79
N ARG B 123 -17.63 0.63 6.77
CA ARG B 123 -17.18 0.73 8.17
C ARG B 123 -16.61 -0.59 8.68
N ILE B 124 -17.35 -1.68 8.45
CA ILE B 124 -16.97 -3.00 8.94
C ILE B 124 -15.65 -3.46 8.30
N ALA B 125 -15.44 -3.11 7.03
CA ALA B 125 -14.19 -3.40 6.30
C ALA B 125 -12.98 -2.63 6.83
N GLY B 126 -13.22 -1.61 7.64
CA GLY B 126 -12.15 -0.82 8.26
C GLY B 126 -11.88 0.52 7.64
N LEU B 127 -12.85 1.04 6.89
CA LEU B 127 -12.82 2.45 6.51
C LEU B 127 -13.38 3.26 7.67
N GLU B 128 -12.59 4.20 8.14
CA GLU B 128 -12.97 5.02 9.29
C GLU B 128 -13.85 6.18 8.88
N GLN B 129 -14.45 6.86 9.86
CA GLN B 129 -15.34 8.01 9.65
C GLN B 129 -14.76 9.01 8.65
N GLU B 130 -13.50 9.39 8.86
CA GLU B 130 -12.80 10.38 8.03
C GLU B 130 -12.62 9.93 6.58
N ASP B 131 -12.58 8.62 6.35
CA ASP B 131 -12.38 8.04 5.01
C ASP B 131 -13.65 8.03 4.19
N LEU B 132 -14.78 8.26 4.85
CA LEU B 132 -16.09 7.98 4.27
C LEU B 132 -16.98 9.19 4.09
N VAL B 133 -17.68 9.22 2.96
CA VAL B 133 -18.87 10.04 2.82
C VAL B 133 -20.03 9.08 2.58
N GLU B 134 -20.83 8.90 3.62
CA GLU B 134 -22.03 8.08 3.52
C GLU B 134 -23.14 8.97 2.98
N ALA B 135 -23.15 9.09 1.65
CA ALA B 135 -24.00 10.05 0.92
C ALA B 135 -25.49 9.88 1.19
N HIS B 136 -25.91 8.64 1.41
CA HIS B 136 -27.32 8.31 1.63
C HIS B 136 -27.61 7.87 3.06
N GLY B 137 -26.74 8.29 3.99
CA GLY B 137 -26.89 7.96 5.39
C GLY B 137 -26.55 6.51 5.72
N THR B 138 -27.12 6.01 6.79
CA THR B 138 -26.77 4.69 7.31
C THR B 138 -27.93 4.01 8.03
N PHE B 139 -27.92 2.69 8.02
CA PHE B 139 -28.81 1.90 8.84
C PHE B 139 -28.28 1.70 10.25
N TYR B 140 -27.01 2.08 10.48
CA TYR B 140 -26.35 1.80 11.78
C TYR B 140 -27.02 2.46 12.99
N THR B 141 -27.51 3.69 12.78
CA THR B 141 -28.21 4.43 13.83
C THR B 141 -29.60 4.81 13.32
N SER B 142 -30.52 5.02 14.26
CA SER B 142 -31.90 5.38 13.98
C SER B 142 -32.33 6.52 14.90
N HIS B 143 -33.31 7.31 14.44
CA HIS B 143 -33.82 8.41 15.25
C HIS B 143 -35.33 8.53 15.22
N CYS B 144 -35.88 8.86 16.37
CA CYS B 144 -37.24 9.37 16.50
C CYS B 144 -37.41 10.58 15.59
N VAL B 145 -38.52 10.60 14.83
CA VAL B 145 -38.77 11.65 13.85
C VAL B 145 -39.20 13.00 14.45
N SER B 146 -39.65 12.97 15.71
CA SER B 146 -40.10 14.19 16.41
C SER B 146 -38.93 15.13 16.68
N ALA B 147 -39.10 16.37 16.21
CA ALA B 147 -38.11 17.45 16.36
C ALA B 147 -37.80 17.82 17.82
N SER B 148 -38.79 17.65 18.70
CA SER B 148 -38.63 17.98 20.11
C SER B 148 -38.03 16.85 20.96
N CYS B 149 -37.80 15.69 20.34
CA CYS B 149 -37.30 14.51 21.05
C CYS B 149 -35.99 13.97 20.46
N ARG B 150 -36.04 13.52 19.21
CA ARG B 150 -34.87 13.04 18.46
C ARG B 150 -34.08 11.90 19.14
N HIS B 151 -34.78 11.06 19.90
CA HIS B 151 -34.19 9.92 20.62
C HIS B 151 -33.47 8.98 19.63
N GLU B 152 -32.21 8.69 19.94
CA GLU B 152 -31.39 7.81 19.09
C GLU B 152 -31.51 6.36 19.52
N TYR B 153 -31.58 5.46 18.54
CA TYR B 153 -31.67 4.02 18.78
C TYR B 153 -30.60 3.27 17.97
N PRO B 154 -29.91 2.29 18.61
CA PRO B 154 -28.87 1.52 17.91
C PRO B 154 -29.44 0.48 16.96
N LEU B 155 -28.56 -0.12 16.14
CA LEU B 155 -28.94 -1.14 15.17
C LEU B 155 -29.64 -2.36 15.80
N SER B 156 -29.16 -2.80 16.96
CA SER B 156 -29.77 -3.91 17.70
C SER B 156 -31.26 -3.66 18.01
N TRP B 157 -31.58 -2.44 18.42
CA TRP B 157 -32.96 -2.02 18.70
C TRP B 157 -33.82 -2.03 17.43
N MET B 158 -33.30 -1.44 16.35
CA MET B 158 -33.98 -1.37 15.06
C MET B 158 -34.21 -2.76 14.45
N LYS B 159 -33.19 -3.63 14.54
CA LYS B 159 -33.28 -5.03 14.08
C LYS B 159 -34.42 -5.79 14.77
N GLU B 160 -34.51 -5.66 16.10
CA GLU B 160 -35.53 -6.31 16.91
C GLU B 160 -36.94 -5.89 16.49
N LYS B 161 -37.14 -4.60 16.24
CA LYS B 161 -38.44 -4.05 15.79
C LYS B 161 -38.79 -4.55 14.39
N ILE B 162 -37.80 -4.60 13.51
CA ILE B 162 -37.96 -5.07 12.13
C ILE B 162 -38.36 -6.56 12.09
N PHE B 163 -37.66 -7.40 12.85
CA PHE B 163 -37.88 -8.84 12.84
C PHE B 163 -39.16 -9.31 13.53
N SER B 164 -39.61 -8.54 14.52
CA SER B 164 -40.86 -8.83 15.24
C SER B 164 -42.11 -8.30 14.50
N GLU B 165 -41.88 -7.63 13.37
CA GLU B 165 -42.92 -6.98 12.54
C GLU B 165 -43.77 -5.95 13.32
N VAL B 166 -43.08 -5.23 14.20
CA VAL B 166 -43.68 -4.13 14.97
C VAL B 166 -43.03 -2.84 14.47
N THR B 167 -43.86 -1.95 13.92
CA THR B 167 -43.40 -0.66 13.39
C THR B 167 -42.65 0.11 14.49
N PRO B 168 -41.38 0.50 14.22
CA PRO B 168 -40.51 1.16 15.20
C PRO B 168 -41.13 2.43 15.79
N LYS B 169 -41.32 2.40 17.10
CA LYS B 169 -42.00 3.45 17.85
C LYS B 169 -41.09 3.92 18.97
N CYS B 170 -41.01 5.24 19.16
CA CYS B 170 -40.16 5.82 20.20
C CYS B 170 -40.70 5.50 21.59
N GLU B 171 -39.82 5.05 22.46
CA GLU B 171 -40.19 4.61 23.81
C GLU B 171 -40.58 5.77 24.73
N ASP B 172 -40.18 6.98 24.34
CA ASP B 172 -40.55 8.19 25.06
C ASP B 172 -41.83 8.83 24.53
N CYS B 173 -41.81 9.24 23.25
CA CYS B 173 -42.84 10.13 22.71
C CYS B 173 -43.82 9.50 21.70
N GLN B 174 -43.69 8.19 21.47
CA GLN B 174 -44.60 7.40 20.60
C GLN B 174 -44.47 7.66 19.08
N SER B 175 -43.56 8.56 18.69
CA SER B 175 -43.33 8.88 17.28
C SER B 175 -42.62 7.74 16.54
N LEU B 176 -42.77 7.75 15.21
CA LEU B 176 -42.08 6.82 14.32
C LEU B 176 -40.56 6.95 14.51
N VAL B 177 -39.87 5.81 14.57
CA VAL B 177 -38.41 5.78 14.58
C VAL B 177 -37.96 5.35 13.20
N LYS B 178 -37.08 6.16 12.61
CA LYS B 178 -36.61 6.00 11.25
C LYS B 178 -35.10 5.71 11.26
N PRO B 179 -34.65 4.70 10.46
CA PRO B 179 -33.20 4.54 10.25
C PRO B 179 -32.60 5.81 9.65
N ASP B 180 -31.34 6.09 9.99
CA ASP B 180 -30.67 7.32 9.54
C ASP B 180 -30.26 7.29 8.07
N ILE B 181 -31.13 6.74 7.23
CA ILE B 181 -30.92 6.73 5.79
C ILE B 181 -31.51 8.01 5.19
N VAL B 182 -30.98 8.40 4.04
CA VAL B 182 -31.55 9.48 3.26
C VAL B 182 -32.55 8.83 2.31
N PHE B 183 -33.84 9.03 2.59
CA PHE B 183 -34.91 8.64 1.66
C PHE B 183 -34.87 9.59 0.46
N PHE B 184 -35.36 9.11 -0.69
CA PHE B 184 -35.61 9.98 -1.84
C PHE B 184 -36.53 11.11 -1.40
N GLY B 185 -36.14 12.35 -1.73
CA GLY B 185 -36.87 13.53 -1.27
C GLY B 185 -36.29 14.23 -0.05
N GLU B 186 -35.35 13.57 0.63
CA GLU B 186 -34.62 14.16 1.77
C GLU B 186 -33.31 14.78 1.32
N SER B 187 -32.86 15.78 2.08
CA SER B 187 -31.56 16.41 1.88
C SER B 187 -30.42 15.45 2.21
N LEU B 188 -29.37 15.51 1.41
CA LEU B 188 -28.14 14.78 1.71
C LEU B 188 -27.41 15.44 2.88
N PRO B 189 -26.57 14.68 3.62
CA PRO B 189 -25.85 15.30 4.76
C PRO B 189 -24.94 16.44 4.32
N ALA B 190 -24.78 17.43 5.19
CA ALA B 190 -23.85 18.56 4.94
C ALA B 190 -22.45 18.08 4.57
N ARG B 191 -22.01 16.97 5.20
CA ARG B 191 -20.70 16.39 4.93
C ARG B 191 -20.47 16.06 3.45
N PHE B 192 -21.53 15.60 2.76
CA PHE B 192 -21.47 15.31 1.33
C PHE B 192 -21.01 16.54 0.55
N PHE B 193 -21.66 17.67 0.80
CA PHE B 193 -21.37 18.91 0.07
C PHE B 193 -20.04 19.53 0.49
N SER B 194 -19.73 19.46 1.78
CA SER B 194 -18.47 19.98 2.29
C SER B 194 -17.29 19.23 1.67
N CYS B 195 -17.32 17.90 1.74
CA CYS B 195 -16.23 17.07 1.20
C CYS B 195 -16.12 17.15 -0.32
N MET B 196 -17.25 17.19 -1.04
CA MET B 196 -17.21 17.29 -2.51
C MET B 196 -16.51 18.55 -3.01
N GLN B 197 -16.62 19.63 -2.22
CA GLN B 197 -16.02 20.93 -2.57
C GLN B 197 -14.51 20.97 -2.37
N SER B 198 -13.96 19.98 -1.66
CA SER B 198 -12.52 19.88 -1.43
C SER B 198 -11.89 18.72 -2.19
N ASP B 199 -12.53 17.55 -2.10
CA ASP B 199 -11.94 16.30 -2.59
C ASP B 199 -11.69 16.27 -4.09
N PHE B 200 -12.62 16.84 -4.85
CA PHE B 200 -12.59 16.75 -6.31
C PHE B 200 -11.77 17.85 -6.99
N LEU B 201 -11.17 18.72 -6.19
CA LEU B 201 -10.28 19.77 -6.72
C LEU B 201 -8.94 19.19 -7.18
N LYS B 202 -8.42 18.24 -6.40
CA LYS B 202 -7.18 17.55 -6.72
C LYS B 202 -7.35 16.08 -6.36
N VAL B 203 -7.47 15.26 -7.40
CA VAL B 203 -7.63 13.82 -7.27
C VAL B 203 -6.98 13.18 -8.49
N ASP B 204 -6.30 12.05 -8.26
CA ASP B 204 -5.52 11.41 -9.32
C ASP B 204 -6.30 10.34 -10.07
N LEU B 205 -7.27 9.71 -9.41
CA LEU B 205 -8.05 8.63 -10.01
C LEU B 205 -9.42 8.53 -9.35
N LEU B 206 -10.43 8.32 -10.19
CA LEU B 206 -11.75 7.94 -9.70
C LEU B 206 -11.99 6.46 -10.00
N LEU B 207 -12.40 5.73 -8.97
CA LEU B 207 -12.76 4.33 -9.12
C LEU B 207 -14.25 4.22 -8.83
N VAL B 208 -15.02 3.94 -9.87
CA VAL B 208 -16.48 3.87 -9.77
C VAL B 208 -16.88 2.40 -9.82
N MET B 209 -17.51 1.92 -8.76
CA MET B 209 -17.77 0.48 -8.63
C MET B 209 -19.19 0.19 -8.19
N GLY B 210 -19.86 -0.71 -8.93
CA GLY B 210 -21.19 -1.19 -8.57
C GLY B 210 -22.30 -0.15 -8.57
N THR B 211 -22.17 0.83 -9.45
CA THR B 211 -23.21 1.84 -9.65
C THR B 211 -23.30 2.30 -11.10
N SER B 212 -24.53 2.42 -11.58
CA SER B 212 -24.82 3.00 -12.89
C SER B 212 -25.07 4.51 -12.81
N LEU B 213 -24.84 5.09 -11.62
CA LEU B 213 -24.93 6.53 -11.36
C LEU B 213 -26.25 7.16 -11.84
N GLN B 214 -27.35 6.64 -11.29
CA GLN B 214 -28.70 7.07 -11.68
C GLN B 214 -29.42 7.88 -10.60
N VAL B 215 -28.74 8.09 -9.46
CA VAL B 215 -29.27 8.83 -8.33
C VAL B 215 -28.53 10.17 -8.20
N GLN B 216 -29.27 11.26 -8.09
CA GLN B 216 -28.69 12.60 -7.95
C GLN B 216 -28.83 13.08 -6.48
N PRO B 217 -27.91 13.92 -5.98
CA PRO B 217 -26.78 14.50 -6.71
C PRO B 217 -25.50 13.64 -6.74
N PHE B 218 -25.57 12.41 -6.23
CA PHE B 218 -24.40 11.51 -6.23
C PHE B 218 -23.80 11.34 -7.63
N ALA B 219 -24.67 11.14 -8.62
CA ALA B 219 -24.26 10.97 -10.03
C ALA B 219 -23.41 12.11 -10.59
N SER B 220 -23.59 13.32 -10.07
CA SER B 220 -22.88 14.51 -10.54
C SER B 220 -21.40 14.57 -10.09
N LEU B 221 -21.04 13.73 -9.12
CA LEU B 221 -19.70 13.77 -8.52
C LEU B 221 -18.53 13.58 -9.48
N ILE B 222 -18.65 12.63 -10.41
CA ILE B 222 -17.51 12.30 -11.28
C ILE B 222 -17.13 13.43 -12.25
N SER B 223 -18.11 14.27 -12.58
CA SER B 223 -17.89 15.46 -13.42
C SER B 223 -17.12 16.57 -12.70
N LYS B 224 -17.05 16.48 -11.38
CA LYS B 224 -16.41 17.49 -10.53
C LYS B 224 -14.89 17.38 -10.48
N ALA B 225 -14.37 16.18 -10.80
CA ALA B 225 -12.93 15.94 -10.89
C ALA B 225 -12.32 16.75 -12.04
N PRO B 226 -11.00 17.05 -11.97
CA PRO B 226 -10.37 17.67 -13.15
C PRO B 226 -10.53 16.81 -14.40
N LEU B 227 -10.61 17.45 -15.55
CA LEU B 227 -10.82 16.74 -16.82
C LEU B 227 -9.68 15.78 -17.18
N SER B 228 -8.53 15.97 -16.53
CA SER B 228 -7.38 15.08 -16.70
C SER B 228 -7.49 13.76 -15.92
N THR B 229 -8.29 13.75 -14.86
CA THR B 229 -8.34 12.62 -13.92
C THR B 229 -8.91 11.35 -14.59
N PRO B 230 -8.07 10.28 -14.72
CA PRO B 230 -8.60 9.02 -15.25
C PRO B 230 -9.69 8.45 -14.37
N ARG B 231 -10.62 7.73 -14.99
CA ARG B 231 -11.77 7.16 -14.29
C ARG B 231 -12.01 5.73 -14.72
N LEU B 232 -11.97 4.82 -13.75
CA LEU B 232 -12.24 3.41 -14.01
C LEU B 232 -13.62 3.01 -13.49
N LEU B 233 -14.41 2.39 -14.36
CA LEU B 233 -15.68 1.80 -13.99
C LEU B 233 -15.54 0.28 -13.86
N ILE B 234 -15.92 -0.25 -12.69
CA ILE B 234 -16.10 -1.69 -12.48
C ILE B 234 -17.58 -1.91 -12.19
N ASN B 235 -18.29 -2.47 -13.16
CA ASN B 235 -19.74 -2.61 -13.08
C ASN B 235 -20.27 -3.67 -14.05
N LYS B 236 -21.48 -4.15 -13.78
CA LYS B 236 -22.17 -5.10 -14.65
C LYS B 236 -22.45 -4.55 -16.05
N GLU B 237 -22.63 -3.22 -16.15
CA GLU B 237 -23.00 -2.54 -17.39
C GLU B 237 -22.21 -1.25 -17.61
N LYS B 238 -22.07 -0.88 -18.89
CA LYS B 238 -21.32 0.29 -19.34
C LYS B 238 -22.09 1.60 -19.14
N ALA B 239 -23.38 1.60 -19.51
CA ALA B 239 -24.23 2.79 -19.45
C ALA B 239 -24.51 3.25 -18.02
N GLY B 241 -25.24 7.37 -15.89
CA GLY B 241 -25.68 8.76 -15.97
C GLY B 241 -24.67 9.75 -15.42
N GLY B 242 -23.40 9.34 -15.40
CA GLY B 242 -22.31 10.16 -14.87
C GLY B 242 -21.51 10.95 -15.88
N GLY B 243 -21.72 10.66 -17.16
CA GLY B 243 -20.96 11.30 -18.25
C GLY B 243 -19.65 10.63 -18.58
N MET B 244 -19.55 9.33 -18.33
CA MET B 244 -18.39 8.52 -18.73
C MET B 244 -18.36 8.39 -20.24
N ASP B 245 -17.15 8.45 -20.81
CA ASP B 245 -16.95 8.21 -22.24
C ASP B 245 -15.82 7.20 -22.48
N PHE B 246 -16.22 5.95 -22.74
CA PHE B 246 -15.27 4.86 -22.95
C PHE B 246 -14.91 4.67 -24.41
N ASP B 247 -15.85 4.95 -25.30
CA ASP B 247 -15.85 4.40 -26.66
C ASP B 247 -15.98 5.39 -27.80
N SER B 248 -16.32 6.65 -27.50
CA SER B 248 -16.52 7.63 -28.57
C SER B 248 -15.18 8.00 -29.21
N LYS B 249 -15.26 8.66 -30.36
CA LYS B 249 -14.07 9.16 -31.05
C LYS B 249 -13.26 10.13 -30.17
N LYS B 250 -13.90 10.68 -29.13
CA LYS B 250 -13.24 11.62 -28.21
C LYS B 250 -12.84 11.01 -26.85
N ALA B 251 -12.94 9.69 -26.72
CA ALA B 251 -12.54 8.99 -25.48
C ALA B 251 -11.04 9.20 -25.20
N TYR B 252 -10.68 9.47 -23.95
CA TYR B 252 -9.28 9.77 -23.62
C TYR B 252 -8.83 9.39 -22.22
N ARG B 253 -9.76 9.05 -21.33
CA ARG B 253 -9.40 8.89 -19.91
C ARG B 253 -10.26 7.89 -19.13
N ASP B 254 -11.37 7.45 -19.73
CA ASP B 254 -12.31 6.56 -19.02
C ASP B 254 -12.17 5.13 -19.50
N VAL B 255 -12.19 4.19 -18.54
CA VAL B 255 -12.02 2.77 -18.82
C VAL B 255 -13.13 1.99 -18.12
N ALA B 256 -13.71 1.04 -18.85
CA ALA B 256 -14.74 0.18 -18.32
C ALA B 256 -14.23 -1.26 -18.21
N TRP B 257 -14.44 -1.84 -17.03
CA TRP B 257 -14.29 -3.27 -16.82
C TRP B 257 -15.66 -3.83 -16.47
N LEU B 258 -16.14 -4.77 -17.30
CA LEU B 258 -17.49 -5.27 -17.16
C LEU B 258 -17.57 -6.63 -16.47
N GLY B 259 -18.37 -6.66 -15.40
CA GLY B 259 -18.60 -7.89 -14.63
C GLY B 259 -18.90 -7.59 -13.18
N GLU B 260 -18.75 -8.61 -12.34
CA GLU B 260 -18.99 -8.49 -10.92
C GLU B 260 -17.87 -7.73 -10.24
N CYS B 261 -18.23 -6.91 -9.25
CA CYS B 261 -17.26 -6.04 -8.58
C CYS B 261 -16.10 -6.78 -7.91
N ASP B 262 -16.40 -7.91 -7.27
CA ASP B 262 -15.36 -8.75 -6.65
C ASP B 262 -14.32 -9.20 -7.66
N GLN B 263 -14.78 -9.66 -8.82
CA GLN B 263 -13.88 -10.17 -9.87
C GLN B 263 -13.05 -9.05 -10.51
N GLY B 264 -13.65 -7.86 -10.68
CA GLY B 264 -12.94 -6.69 -11.18
C GLY B 264 -11.83 -6.24 -10.24
N CYS B 265 -12.13 -6.26 -8.96
CA CYS B 265 -11.16 -5.88 -7.93
C CYS B 265 -10.02 -6.90 -7.80
N LEU B 266 -10.35 -8.20 -7.94
CA LEU B 266 -9.32 -9.25 -7.98
C LEU B 266 -8.39 -9.06 -9.18
N ALA B 267 -8.97 -8.76 -10.34
CA ALA B 267 -8.22 -8.52 -11.58
C ALA B 267 -7.28 -7.34 -11.45
N LEU B 268 -7.78 -6.23 -10.90
CA LEU B 268 -6.96 -5.05 -10.68
C LEU B 268 -5.88 -5.30 -9.63
N ALA B 269 -6.24 -5.92 -8.51
CA ALA B 269 -5.27 -6.26 -7.46
C ALA B 269 -4.11 -7.10 -7.99
N GLU B 270 -4.45 -8.09 -8.83
CA GLU B 270 -3.43 -8.96 -9.44
C GLU B 270 -2.43 -8.18 -10.28
N LEU B 271 -2.91 -7.24 -11.10
CA LEU B 271 -2.04 -6.37 -11.89
C LEU B 271 -1.14 -5.48 -11.02
N LEU B 272 -1.62 -5.11 -9.83
CA LEU B 272 -0.87 -4.28 -8.89
C LEU B 272 0.04 -5.09 -7.97
N GLY B 273 0.02 -6.42 -8.12
CA GLY B 273 0.81 -7.33 -7.30
C GLY B 273 0.26 -7.51 -5.89
N TRP B 274 -1.04 -7.22 -5.73
CA TRP B 274 -1.70 -7.25 -4.43
C TRP B 274 -2.66 -8.42 -4.23
N LYS B 275 -2.69 -9.36 -5.16
CA LYS B 275 -3.70 -10.42 -5.13
C LYS B 275 -3.63 -11.27 -3.86
N LYS B 276 -2.44 -11.75 -3.50
CA LYS B 276 -2.26 -12.56 -2.28
C LYS B 276 -2.55 -11.74 -1.01
N GLU B 277 -2.10 -10.49 -1.00
CA GLU B 277 -2.35 -9.58 0.14
C GLU B 277 -3.84 -9.31 0.34
N LEU B 278 -4.56 -9.10 -0.76
CA LEU B 278 -6.02 -8.91 -0.71
C LEU B 278 -6.76 -10.16 -0.21
N GLU B 279 -6.39 -11.33 -0.73
CA GLU B 279 -7.01 -12.58 -0.33
C GLU B 279 -6.73 -12.90 1.15
N ASP B 280 -5.50 -12.59 1.59
CA ASP B 280 -5.11 -12.78 2.99
C ASP B 280 -5.87 -11.85 3.93
N LEU B 281 -6.04 -10.60 3.50
CA LEU B 281 -6.81 -9.61 4.25
C LEU B 281 -8.27 -10.03 4.43
N VAL B 282 -8.91 -10.47 3.34
CA VAL B 282 -10.31 -10.94 3.38
C VAL B 282 -10.44 -12.13 4.33
N ARG B 283 -9.50 -13.08 4.23
CA ARG B 283 -9.50 -14.28 5.08
C ARG B 283 -9.42 -13.91 6.56
N ARG B 284 -8.43 -13.10 6.93
CA ARG B 284 -8.24 -12.68 8.32
C ARG B 284 -9.44 -11.88 8.86
N GLU B 285 -9.92 -10.94 8.06
CA GLU B 285 -11.02 -10.08 8.48
C GLU B 285 -12.35 -10.82 8.59
N HIS B 286 -12.61 -11.75 7.66
CA HIS B 286 -13.78 -12.61 7.74
C HIS B 286 -13.72 -13.52 8.97
N ALA B 287 -12.52 -14.03 9.28
CA ALA B 287 -12.30 -14.86 10.47
C ALA B 287 -12.61 -14.09 11.76
N SER B 288 -12.18 -12.82 11.82
CA SER B 288 -12.45 -11.95 12.97
C SER B 288 -13.93 -11.67 13.14
N ILE B 289 -14.64 -11.51 12.03
CA ILE B 289 -16.08 -11.28 12.06
C ILE B 289 -16.80 -12.54 12.54
N ASP B 290 -16.43 -13.70 12.00
CA ASP B 290 -17.01 -14.98 12.39
C ASP B 290 -16.78 -15.31 13.87
N ALA B 291 -15.68 -14.80 14.43
CA ALA B 291 -15.34 -14.97 15.84
C ALA B 291 -16.18 -14.10 16.80
N GLN B 292 -16.91 -13.13 16.26
CA GLN B 292 -17.78 -12.26 17.05
C GLN B 292 -19.14 -12.92 17.27
N LEU C 1 13.07 -19.04 12.83
CA LEU C 1 14.17 -18.71 11.87
C LEU C 1 15.27 -17.88 12.55
N PRO C 2 16.55 -18.03 12.09
CA PRO C 2 17.69 -17.30 12.68
C PRO C 2 17.51 -15.78 12.79
N LYS C 3 18.09 -15.21 13.85
CA LYS C 3 17.89 -13.81 14.25
C LYS C 3 19.04 -12.89 13.84
C MYK C 4 20.50 -10.20 14.64
N MYK C 4 18.72 -11.59 13.71
O MYK C 4 19.94 -9.86 15.66
CA MYK C 4 19.70 -10.54 13.39
CB MYK C 4 18.94 -9.32 12.90
CD MYK C 4 18.98 -7.01 12.04
CE MYK C 4 19.82 -5.85 11.52
CG MYK C 4 19.84 -8.20 12.39
CI MYK C 4 18.71 -0.43 11.21
CK MYK C 4 17.73 0.52 10.52
CL MYK C 4 17.24 1.56 11.50
CM MYK C 4 16.55 2.69 10.76
CP MYK C 4 16.88 4.03 11.41
CQ MYK C 4 15.03 6.56 9.25
CR MYK C 4 15.80 5.05 11.10
CS MYK C 4 15.30 6.77 7.76
CT MYK C 4 18.03 -1.76 11.42
CU MYK C 4 16.24 5.97 9.95
CV MYK C 4 14.11 6.33 5.60
CW MYK C 4 14.55 5.74 6.93
CX MYK C 4 19.38 -3.60 10.66
OX MYK C 4 20.55 -3.25 10.57
CY MYK C 4 18.30 -2.66 10.22
NZ MYK C 4 18.96 -4.76 11.14
N THR C 5 21.81 -10.44 14.50
CA THR C 5 22.80 -10.22 15.57
C THR C 5 24.03 -9.45 15.09
N GLY C 6 24.75 -8.86 16.05
CA GLY C 6 26.05 -8.25 15.80
C GLY C 6 26.04 -6.75 15.57
N GLY C 7 25.28 -6.03 16.41
CA GLY C 7 25.19 -4.57 16.34
C GLY C 7 25.56 -3.90 17.65
N LEU D 1 -30.32 22.37 1.55
CA LEU D 1 -29.39 21.49 0.77
C LEU D 1 -30.15 20.65 -0.27
N PRO D 2 -29.53 20.39 -1.45
CA PRO D 2 -30.11 19.55 -2.52
C PRO D 2 -30.60 18.18 -2.05
N LYS D 3 -31.70 17.72 -2.66
CA LYS D 3 -32.39 16.49 -2.26
C LYS D 3 -32.01 15.28 -3.11
C MYK D 4 -33.12 12.51 -4.17
N MYK D 4 -32.20 14.08 -2.53
O MYK D 4 -34.28 12.56 -3.78
CA MYK D 4 -31.98 12.79 -3.22
CB MYK D 4 -31.89 11.71 -2.14
CD MYK D 4 -31.47 9.32 -1.59
CE MYK D 4 -31.30 7.92 -2.13
CG MYK D 4 -31.41 10.36 -2.70
CI MYK D 4 -32.02 2.73 1.03
CK MYK D 4 -33.21 1.78 1.06
CL MYK D 4 -33.10 0.85 2.26
CM MYK D 4 -33.98 -0.38 2.09
CP MYK D 4 -34.02 -1.20 3.37
CQ MYK D 4 -31.64 -3.84 4.81
CR MYK D 4 -33.02 -2.35 3.33
CS MYK D 4 -30.82 -3.23 5.93
CT MYK D 4 -32.26 3.91 0.09
CU MYK D 4 -32.96 -3.08 4.66
CV MYK D 4 -28.50 -2.79 6.69
CW MYK D 4 -29.38 -3.69 5.86
CX MYK D 4 -31.03 5.67 -1.18
OX MYK D 4 -30.75 5.13 -2.24
CY MYK D 4 -31.06 4.85 0.09
NZ MYK D 4 -31.35 6.96 -1.05
N THR D 5 -32.82 12.48 -5.46
CA THR D 5 -33.71 12.39 -6.63
C THR D 5 -33.23 11.36 -7.66
N GLY D 6 -34.16 10.91 -8.50
CA GLY D 6 -33.84 10.06 -9.65
C GLY D 6 -33.98 8.58 -9.39
N GLY D 7 -33.23 7.79 -10.15
CA GLY D 7 -33.26 6.33 -10.07
C GLY D 7 -33.38 5.69 -11.44
ZN ZN E . -3.38 -3.53 16.00
ZN ZN F . -39.29 10.39 20.52
#